data_4MXJ
#
_entry.id   4MXJ
#
_cell.length_a   92.567
_cell.length_b   92.567
_cell.length_c   130.779
_cell.angle_alpha   90.00
_cell.angle_beta   90.00
_cell.angle_gamma   120.00
#
_symmetry.space_group_name_H-M   'P 61 2 2'
#
loop_
_entity.id
_entity.type
_entity.pdbx_description
1 polymer Thermolysin
2 non-polymer 'ZINC ION'
3 non-polymer 'CALCIUM ION'
4 non-polymer GLYCEROL
5 non-polymer 'DIMETHYL SULFOXIDE'
6 non-polymer 'P-((((benzyloxy)carbonyl)amino)methyl)-N-((S)-4-methyl-1-oxo-1-(propylamino)pentan-2-yl)phosphonamidic acid'
7 water water
#
_entity_poly.entity_id   1
_entity_poly.type   'polypeptide(L)'
_entity_poly.pdbx_seq_one_letter_code
;ITGTSTVGVGRGVLGDQKNINTTYSTYYYLQDNTRGNGIFTYDAKYRTTLPGSLWADADNQFFASYDAPAVDAHYYAGVT
YDYYKNVHNRLSYDGNNAAIRSSVHYSQGYNNAFWNGSQMVYGDGDGQTFIPLSGGIDVVAHELTHAVTDYTAGLIYQNE
SGAINEAISDIFGTLVEFYANKNPDWEIGEDVYTPGISGDSLRSMSDPAKYGDPDHYSKRYTGTQDNGGVHINSGIINKA
AYLISQGGTHYGVSVVGIGRDKLGKIFYRALTQYLTPTSNFSQLRAAAVQSATDLYGSTSQEVASVKQAFDAVGVK
;
_entity_poly.pdbx_strand_id   E
#
loop_
_chem_comp.id
_chem_comp.type
_chem_comp.name
_chem_comp.formula
2G8 peptide-like 'P-((((benzyloxy)carbonyl)amino)methyl)-N-((S)-4-methyl-1-oxo-1-(propylamino)pentan-2-yl)phosphonamidic acid' 'C18 H30 N3 O5 P'
CA non-polymer 'CALCIUM ION' 'Ca 2'
DMS non-polymer 'DIMETHYL SULFOXIDE' 'C2 H6 O S'
GOL non-polymer GLYCEROL 'C3 H8 O3'
ZN non-polymer 'ZINC ION' 'Zn 2'
#
# COMPACT_ATOMS: atom_id res chain seq x y z
N ILE A 1 0.60 -12.83 22.44
CA ILE A 1 0.72 -13.37 23.80
C ILE A 1 -0.22 -12.68 24.78
N THR A 2 -0.40 -13.31 25.94
CA THR A 2 -1.26 -12.75 26.98
C THR A 2 -0.47 -11.77 27.83
N GLY A 3 -1.01 -10.57 27.99
CA GLY A 3 -0.35 -9.56 28.79
C GLY A 3 -1.20 -8.33 28.90
N THR A 4 -0.60 -7.22 29.29
CA THR A 4 -1.36 -5.99 29.44
C THR A 4 -0.92 -4.97 28.39
N SER A 5 -1.89 -4.22 27.87
CA SER A 5 -1.59 -3.24 26.83
C SER A 5 -0.80 -2.06 27.39
N THR A 6 0.26 -1.72 26.68
CA THR A 6 1.19 -0.69 27.11
C THR A 6 1.48 0.25 25.94
N VAL A 7 2.16 1.36 26.22
CA VAL A 7 2.50 2.30 25.16
C VAL A 7 3.99 2.59 25.22
N GLY A 8 4.71 2.15 24.19
CA GLY A 8 6.13 2.40 24.11
C GLY A 8 6.41 3.61 23.26
N VAL A 9 7.68 4.00 23.20
CA VAL A 9 8.08 5.13 22.39
CA VAL A 9 8.11 5.16 22.43
C VAL A 9 9.36 4.76 21.66
N GLY A 10 9.51 5.26 20.43
CA GLY A 10 10.70 4.94 19.68
C GLY A 10 10.88 5.85 18.50
N ARG A 11 11.85 5.50 17.67
CA ARG A 11 12.15 6.28 16.47
CA ARG A 11 12.20 6.27 16.49
C ARG A 11 12.08 5.40 15.24
N GLY A 12 11.44 5.91 14.20
CA GLY A 12 11.31 5.19 12.95
C GLY A 12 12.52 5.32 12.05
N VAL A 13 12.42 4.74 10.86
CA VAL A 13 13.50 4.69 9.89
C VAL A 13 14.03 6.08 9.50
N LEU A 14 13.13 7.06 9.44
CA LEU A 14 13.51 8.43 9.04
CA LEU A 14 13.51 8.43 9.04
C LEU A 14 13.88 9.31 10.23
N GLY A 15 13.95 8.71 11.41
CA GLY A 15 14.42 9.44 12.58
C GLY A 15 13.35 10.15 13.38
N ASP A 16 12.09 9.90 13.05
CA ASP A 16 10.98 10.55 13.71
C ASP A 16 10.50 9.76 14.93
N GLN A 17 10.15 10.47 16.00
CA GLN A 17 9.68 9.83 17.22
C GLN A 17 8.19 9.54 17.13
N LYS A 18 7.79 8.35 17.57
CA LYS A 18 6.36 8.04 17.65
C LYS A 18 6.09 7.08 18.78
N ASN A 19 4.84 7.10 19.27
CA ASN A 19 4.38 6.16 20.25
C ASN A 19 3.89 4.90 19.55
N ILE A 20 4.09 3.75 20.18
CA ILE A 20 3.61 2.49 19.63
CA ILE A 20 3.59 2.50 19.63
C ILE A 20 2.89 1.67 20.70
N ASN A 21 1.86 0.95 20.27
CA ASN A 21 1.11 0.10 21.16
C ASN A 21 1.82 -1.22 21.35
N THR A 22 2.12 -1.55 22.60
CA THR A 22 2.87 -2.75 22.91
C THR A 22 2.10 -3.59 23.94
N THR A 23 2.65 -4.76 24.28
CA THR A 23 2.04 -5.64 25.27
C THR A 23 3.12 -6.07 26.25
N TYR A 24 2.86 -5.92 27.54
CA TYR A 24 3.83 -6.30 28.55
C TYR A 24 3.52 -7.65 29.18
N SER A 25 4.51 -8.54 29.13
CA SER A 25 4.52 -9.78 29.88
C SER A 25 5.97 -10.21 29.93
N THR A 26 6.64 -9.84 31.02
CA THR A 26 8.09 -9.98 31.21
C THR A 26 8.88 -9.04 30.30
N TYR A 27 8.63 -9.16 28.99
CA TYR A 27 9.16 -8.22 28.01
C TYR A 27 8.03 -7.36 27.49
N TYR A 28 8.38 -6.27 26.81
CA TYR A 28 7.44 -5.50 26.03
C TYR A 28 7.50 -5.97 24.59
N TYR A 29 6.36 -6.43 24.07
CA TYR A 29 6.29 -6.99 22.73
C TYR A 29 5.61 -6.03 21.77
N LEU A 30 6.03 -6.04 20.50
CA LEU A 30 5.33 -5.29 19.47
C LEU A 30 4.03 -6.01 19.14
N GLN A 31 3.05 -5.82 20.02
CA GLN A 31 1.74 -6.42 19.88
C GLN A 31 0.76 -5.35 20.31
N ASP A 32 0.00 -4.87 19.34
CA ASP A 32 -0.96 -3.77 19.53
C ASP A 32 -2.33 -4.40 19.69
N ASN A 33 -2.88 -4.34 20.90
CA ASN A 33 -4.19 -4.94 21.17
C ASN A 33 -5.35 -3.99 20.92
N THR A 34 -5.04 -2.77 20.49
CA THR A 34 -6.07 -1.74 20.39
C THR A 34 -6.83 -1.81 19.07
N ARG A 35 -6.34 -2.64 18.16
CA ARG A 35 -6.92 -2.73 16.82
C ARG A 35 -7.26 -4.17 16.47
N GLY A 36 -8.55 -4.44 16.28
CA GLY A 36 -9.00 -5.75 15.90
C GLY A 36 -8.51 -6.85 16.83
N ASN A 37 -8.03 -7.93 16.24
CA ASN A 37 -7.45 -9.01 17.02
C ASN A 37 -5.94 -8.92 17.07
N GLY A 38 -5.44 -7.70 16.92
CA GLY A 38 -4.05 -7.40 17.16
C GLY A 38 -3.23 -7.12 15.92
N ILE A 39 -2.18 -6.33 16.12
CA ILE A 39 -1.14 -6.12 15.13
C ILE A 39 0.14 -6.60 15.78
N PHE A 40 0.86 -7.50 15.09
CA PHE A 40 2.01 -8.20 15.64
C PHE A 40 3.19 -7.99 14.72
N THR A 41 4.33 -7.56 15.27
CA THR A 41 5.52 -7.33 14.46
C THR A 41 6.67 -8.21 14.95
N TYR A 42 7.35 -8.83 14.00
CA TYR A 42 8.32 -9.88 14.25
C TYR A 42 9.70 -9.51 13.72
N ASP A 43 10.72 -10.11 14.33
CA ASP A 43 12.11 -9.97 13.90
C ASP A 43 12.51 -11.19 13.07
N ALA A 44 12.81 -10.98 11.78
CA ALA A 44 13.32 -12.06 10.95
C ALA A 44 14.85 -12.23 11.03
N LYS A 45 15.52 -11.31 11.71
CA LYS A 45 16.94 -11.47 12.09
C LYS A 45 17.87 -11.72 10.91
N TYR A 46 17.58 -11.06 9.79
CA TYR A 46 18.38 -11.14 8.56
C TYR A 46 18.24 -12.49 7.85
N ARG A 47 17.35 -13.34 8.33
CA ARG A 47 17.13 -14.62 7.66
C ARG A 47 15.80 -14.64 6.93
N THR A 48 15.45 -15.79 6.35
CA THR A 48 14.27 -15.85 5.50
C THR A 48 13.20 -16.79 6.02
N THR A 49 13.43 -17.31 7.23
CA THR A 49 12.42 -18.11 7.88
CA THR A 49 12.43 -18.11 7.92
C THR A 49 11.39 -17.18 8.52
N LEU A 50 10.11 -17.45 8.27
CA LEU A 50 9.04 -16.54 8.68
C LEU A 50 8.05 -17.22 9.61
N PRO A 51 7.47 -16.46 10.56
CA PRO A 51 7.64 -15.01 10.72
C PRO A 51 8.89 -14.57 11.46
N GLY A 52 9.60 -15.51 12.08
CA GLY A 52 10.66 -15.14 13.00
C GLY A 52 10.09 -15.03 14.40
N SER A 53 10.68 -14.19 15.24
CA SER A 53 10.25 -14.08 16.64
CA SER A 53 10.21 -14.10 16.62
C SER A 53 9.45 -12.82 16.91
N LEU A 54 8.39 -12.93 17.68
CA LEU A 54 7.60 -11.76 18.05
C LEU A 54 8.55 -10.75 18.71
N TRP A 55 8.51 -9.51 18.26
CA TRP A 55 9.52 -8.55 18.68
C TRP A 55 9.45 -8.26 20.18
N ALA A 56 10.53 -8.58 20.89
CA ALA A 56 10.60 -8.39 22.34
C ALA A 56 11.62 -7.32 22.69
N ASP A 57 11.28 -6.49 23.67
CA ASP A 57 12.14 -5.41 24.09
C ASP A 57 12.08 -5.27 25.61
N ALA A 58 13.22 -5.04 26.24
CA ALA A 58 13.28 -5.03 27.69
C ALA A 58 12.61 -3.82 28.36
N ASP A 59 12.65 -2.65 27.72
CA ASP A 59 12.26 -1.42 28.41
C ASP A 59 11.16 -0.57 27.77
N ASN A 60 10.60 -1.03 26.66
CA ASN A 60 9.49 -0.32 25.98
C ASN A 60 9.96 0.96 25.29
N GLN A 61 11.27 1.09 25.11
N GLN A 61 11.28 1.09 25.12
CA GLN A 61 11.87 2.20 24.38
CA GLN A 61 11.86 2.20 24.37
C GLN A 61 12.54 1.62 23.14
C GLN A 61 12.55 1.64 23.14
N PHE A 62 12.24 2.21 21.98
CA PHE A 62 12.67 1.63 20.72
C PHE A 62 13.45 2.63 19.89
N PHE A 63 14.59 3.05 20.43
CA PHE A 63 15.42 4.07 19.79
C PHE A 63 16.70 3.53 19.16
N ALA A 64 16.92 2.22 19.21
CA ALA A 64 18.11 1.66 18.57
C ALA A 64 17.92 1.62 17.06
N SER A 65 19.02 1.72 16.33
CA SER A 65 18.95 1.64 14.88
CA SER A 65 18.94 1.65 14.87
C SER A 65 18.25 0.36 14.42
N TYR A 66 18.55 -0.76 15.10
CA TYR A 66 17.94 -2.05 14.78
C TYR A 66 16.41 -2.03 14.97
N ASP A 67 15.93 -1.17 15.87
CA ASP A 67 14.51 -1.11 16.19
C ASP A 67 13.70 -0.37 15.12
N ALA A 68 14.34 0.52 14.38
CA ALA A 68 13.60 1.48 13.54
C ALA A 68 12.66 0.85 12.51
N PRO A 69 13.10 -0.19 11.79
CA PRO A 69 12.16 -0.77 10.82
C PRO A 69 10.95 -1.41 11.50
N ALA A 70 11.14 -1.93 12.72
CA ALA A 70 10.05 -2.56 13.45
C ALA A 70 9.05 -1.51 13.92
N VAL A 71 9.55 -0.40 14.45
CA VAL A 71 8.70 0.70 14.88
C VAL A 71 7.76 1.12 13.75
N ASP A 72 8.31 1.33 12.57
CA ASP A 72 7.52 1.81 11.44
C ASP A 72 6.57 0.76 10.86
N ALA A 73 7.01 -0.50 10.74
CA ALA A 73 6.11 -1.53 10.27
C ALA A 73 4.89 -1.62 11.19
N HIS A 74 5.13 -1.54 12.50
CA HIS A 74 4.10 -1.70 13.51
C HIS A 74 3.17 -0.48 13.47
N TYR A 75 3.75 0.71 13.50
CA TYR A 75 2.97 1.94 13.52
C TYR A 75 2.17 2.15 12.23
N TYR A 76 2.80 1.95 11.08
CA TYR A 76 2.10 2.19 9.82
C TYR A 76 1.04 1.11 9.54
N ALA A 77 1.23 -0.10 10.05
CA ALA A 77 0.15 -1.08 9.99
C ALA A 77 -1.07 -0.57 10.76
N GLY A 78 -0.84 0.06 11.91
CA GLY A 78 -1.92 0.68 12.67
C GLY A 78 -2.64 1.76 11.89
N VAL A 79 -1.89 2.64 11.23
CA VAL A 79 -2.51 3.70 10.44
C VAL A 79 -3.34 3.10 9.31
N THR A 80 -2.82 2.07 8.67
CA THR A 80 -3.53 1.42 7.57
C THR A 80 -4.82 0.75 8.05
N TYR A 81 -4.73 0.06 9.20
CA TYR A 81 -5.93 -0.49 9.83
C TYR A 81 -6.98 0.60 10.05
N ASP A 82 -6.54 1.73 10.59
CA ASP A 82 -7.44 2.83 10.88
C ASP A 82 -8.10 3.36 9.61
N TYR A 83 -7.31 3.49 8.54
CA TYR A 83 -7.86 3.95 7.28
C TYR A 83 -8.99 3.04 6.82
N TYR A 84 -8.72 1.74 6.75
CA TYR A 84 -9.74 0.82 6.26
C TYR A 84 -10.98 0.80 7.16
N LYS A 85 -10.79 0.87 8.47
CA LYS A 85 -11.93 0.84 9.38
C LYS A 85 -12.73 2.15 9.33
N ASN A 86 -12.03 3.26 9.44
CA ASN A 86 -12.69 4.56 9.55
C ASN A 86 -13.28 5.05 8.24
N VAL A 87 -12.59 4.76 7.14
CA VAL A 87 -13.01 5.27 5.85
C VAL A 87 -13.92 4.30 5.10
N HIS A 88 -13.63 3.00 5.20
CA HIS A 88 -14.40 2.00 4.42
C HIS A 88 -15.21 1.02 5.26
N ASN A 89 -15.20 1.20 6.58
CA ASN A 89 -15.90 0.28 7.48
C ASN A 89 -15.45 -1.16 7.27
N ARG A 90 -14.15 -1.32 7.01
CA ARG A 90 -13.59 -2.66 6.84
C ARG A 90 -12.69 -2.98 8.03
N LEU A 91 -12.94 -4.12 8.67
CA LEU A 91 -12.20 -4.54 9.85
C LEU A 91 -11.08 -5.49 9.47
N SER A 92 -9.86 -4.96 9.41
CA SER A 92 -8.68 -5.69 8.95
C SER A 92 -8.80 -6.17 7.50
N TYR A 93 -7.84 -6.97 7.07
CA TYR A 93 -7.78 -7.32 5.65
C TYR A 93 -8.86 -8.31 5.23
N ASP A 94 -9.34 -9.12 6.17
CA ASP A 94 -10.36 -10.12 5.84
C ASP A 94 -11.78 -9.65 6.17
N GLY A 95 -11.92 -8.43 6.70
CA GLY A 95 -13.22 -7.91 7.07
C GLY A 95 -13.72 -8.44 8.41
N ASN A 96 -12.93 -9.30 9.05
CA ASN A 96 -13.33 -9.90 10.33
C ASN A 96 -12.24 -9.77 11.38
N ASN A 97 -11.46 -8.70 11.28
CA ASN A 97 -10.44 -8.38 12.27
C ASN A 97 -9.32 -9.42 12.40
N ALA A 98 -8.95 -10.04 11.28
CA ALA A 98 -7.79 -10.94 11.28
C ALA A 98 -6.57 -10.24 11.89
N ALA A 99 -5.82 -10.96 12.71
CA ALA A 99 -4.55 -10.47 13.23
C ALA A 99 -3.64 -10.07 12.08
N ILE A 100 -3.00 -8.93 12.21
CA ILE A 100 -2.10 -8.43 11.17
C ILE A 100 -0.65 -8.67 11.61
N ARG A 101 0.09 -9.42 10.80
CA ARG A 101 1.46 -9.82 11.14
C ARG A 101 2.46 -9.28 10.12
N SER A 102 3.57 -8.72 10.61
CA SER A 102 4.65 -8.23 9.77
C SER A 102 5.99 -8.71 10.30
N SER A 103 6.91 -9.04 9.40
CA SER A 103 8.29 -9.32 9.79
C SER A 103 9.22 -8.31 9.15
N VAL A 104 10.18 -7.82 9.93
CA VAL A 104 11.20 -6.90 9.42
C VAL A 104 12.58 -7.54 9.53
N HIS A 105 13.59 -6.86 8.99
CA HIS A 105 14.94 -7.43 8.86
C HIS A 105 14.90 -8.76 8.12
N TYR A 106 14.07 -8.84 7.07
CA TYR A 106 14.04 -10.03 6.22
C TYR A 106 15.24 -10.09 5.30
N SER A 107 15.97 -11.21 5.36
CA SER A 107 17.13 -11.46 4.51
C SER A 107 18.21 -10.40 4.69
N GLN A 108 19.14 -10.31 3.74
CA GLN A 108 20.23 -9.33 3.78
C GLN A 108 20.21 -8.49 2.52
N GLY A 109 20.29 -7.16 2.68
CA GLY A 109 20.32 -6.24 1.57
C GLY A 109 19.10 -6.37 0.68
N TYR A 110 17.95 -6.70 1.27
CA TYR A 110 16.80 -7.11 0.49
C TYR A 110 15.97 -5.91 0.03
N ASN A 111 15.98 -5.66 -1.29
CA ASN A 111 15.38 -4.48 -1.90
C ASN A 111 13.92 -4.70 -2.29
N ASN A 112 13.10 -5.14 -1.34
CA ASN A 112 11.70 -5.40 -1.63
C ASN A 112 10.92 -5.58 -0.36
N ALA A 113 9.61 -5.68 -0.52
CA ALA A 113 8.67 -6.01 0.55
C ALA A 113 7.53 -6.76 -0.13
N PHE A 114 6.84 -7.60 0.63
CA PHE A 114 5.77 -8.39 0.02
C PHE A 114 4.78 -8.91 1.03
N TRP A 115 3.62 -9.34 0.53
CA TRP A 115 2.65 -10.11 1.29
C TRP A 115 2.84 -11.56 0.86
N ASN A 116 3.09 -12.47 1.79
CA ASN A 116 3.47 -13.83 1.40
C ASN A 116 2.29 -14.80 1.37
N GLY A 117 1.07 -14.26 1.42
CA GLY A 117 -0.14 -15.06 1.52
C GLY A 117 -0.71 -15.06 2.93
N SER A 118 0.12 -14.71 3.91
CA SER A 118 -0.28 -14.77 5.32
C SER A 118 0.19 -13.58 6.16
N GLN A 119 1.20 -12.85 5.69
CA GLN A 119 1.80 -11.79 6.48
C GLN A 119 2.58 -10.83 5.58
N MET A 120 2.88 -9.67 6.12
CA MET A 120 3.76 -8.71 5.44
C MET A 120 5.22 -8.98 5.78
N VAL A 121 6.09 -8.70 4.82
CA VAL A 121 7.52 -8.99 4.95
C VAL A 121 8.29 -7.80 4.39
N TYR A 122 9.25 -7.28 5.15
CA TYR A 122 10.02 -6.10 4.72
C TYR A 122 11.52 -6.33 4.74
N GLY A 123 12.17 -6.13 3.60
CA GLY A 123 13.61 -6.10 3.59
C GLY A 123 14.16 -4.82 4.22
N ASP A 124 15.46 -4.81 4.49
CA ASP A 124 16.15 -3.62 4.97
C ASP A 124 16.70 -2.77 3.82
N GLY A 125 16.65 -3.28 2.59
CA GLY A 125 17.30 -2.63 1.47
C GLY A 125 18.80 -2.78 1.56
N ASP A 126 19.51 -2.39 0.51
CA ASP A 126 20.96 -2.50 0.51
C ASP A 126 21.63 -1.16 0.83
N GLY A 127 20.82 -0.15 1.16
CA GLY A 127 21.35 1.15 1.50
C GLY A 127 21.58 2.03 0.30
N GLN A 128 21.44 1.46 -0.90
CA GLN A 128 21.64 2.18 -2.14
C GLN A 128 20.34 2.33 -2.91
N THR A 129 19.69 1.21 -3.20
CA THR A 129 18.39 1.25 -3.86
C THR A 129 17.27 1.55 -2.87
N PHE A 130 17.33 0.93 -1.69
CA PHE A 130 16.35 1.19 -0.63
C PHE A 130 17.03 1.28 0.72
N ILE A 131 16.41 2.04 1.62
CA ILE A 131 16.61 1.90 3.06
C ILE A 131 15.44 1.02 3.58
N PRO A 132 15.41 0.66 4.88
CA PRO A 132 14.38 -0.31 5.28
C PRO A 132 12.96 0.09 4.86
N LEU A 133 12.29 -0.82 4.16
CA LEU A 133 11.14 -0.42 3.34
C LEU A 133 9.90 -0.06 4.13
N SER A 134 9.82 -0.53 5.37
CA SER A 134 8.71 -0.16 6.25
C SER A 134 8.74 1.32 6.62
N GLY A 135 9.81 2.04 6.28
CA GLY A 135 9.87 3.47 6.52
C GLY A 135 8.90 4.27 5.64
N GLY A 136 8.33 3.64 4.62
CA GLY A 136 7.37 4.29 3.74
C GLY A 136 5.95 3.89 4.10
N ILE A 137 5.13 4.86 4.50
CA ILE A 137 3.75 4.56 4.83
C ILE A 137 2.99 4.04 3.60
N ASP A 138 3.27 4.61 2.43
CA ASP A 138 2.69 4.10 1.19
C ASP A 138 3.09 2.65 0.91
N VAL A 139 4.32 2.29 1.26
CA VAL A 139 4.79 0.91 1.09
C VAL A 139 4.03 -0.04 2.02
N VAL A 140 3.95 0.31 3.30
CA VAL A 140 3.25 -0.55 4.26
C VAL A 140 1.79 -0.73 3.83
N ALA A 141 1.13 0.37 3.46
CA ALA A 141 -0.25 0.28 3.02
C ALA A 141 -0.39 -0.48 1.69
N HIS A 142 0.60 -0.36 0.81
CA HIS A 142 0.65 -1.14 -0.43
C HIS A 142 0.63 -2.64 -0.10
N GLU A 143 1.45 -3.05 0.86
CA GLU A 143 1.54 -4.46 1.23
C GLU A 143 0.26 -4.97 1.89
N LEU A 144 -0.28 -4.21 2.84
CA LEU A 144 -1.51 -4.67 3.51
C LEU A 144 -2.66 -4.70 2.51
N THR A 145 -2.64 -3.80 1.54
CA THR A 145 -3.67 -3.79 0.52
C THR A 145 -3.63 -5.07 -0.35
N HIS A 146 -2.45 -5.67 -0.54
CA HIS A 146 -2.40 -6.95 -1.24
C HIS A 146 -3.25 -8.00 -0.50
N ALA A 147 -3.18 -7.98 0.83
CA ALA A 147 -4.01 -8.89 1.62
C ALA A 147 -5.50 -8.61 1.42
N VAL A 148 -5.87 -7.33 1.40
CA VAL A 148 -7.26 -6.95 1.15
C VAL A 148 -7.72 -7.46 -0.21
N THR A 149 -6.91 -7.22 -1.23
CA THR A 149 -7.23 -7.71 -2.56
C THR A 149 -7.40 -9.24 -2.57
N ASP A 150 -6.47 -9.94 -1.93
CA ASP A 150 -6.52 -11.40 -1.94
C ASP A 150 -7.77 -11.96 -1.29
N TYR A 151 -8.30 -11.24 -0.29
CA TYR A 151 -9.52 -11.66 0.40
C TYR A 151 -10.80 -11.21 -0.30
N THR A 152 -10.68 -10.33 -1.29
CA THR A 152 -11.85 -9.75 -1.94
C THR A 152 -11.84 -10.13 -3.43
N ALA A 153 -11.40 -9.23 -4.30
CA ALA A 153 -11.43 -9.53 -5.73
C ALA A 153 -10.60 -10.75 -6.10
N GLY A 154 -9.46 -10.91 -5.44
CA GLY A 154 -8.61 -12.07 -5.68
C GLY A 154 -7.88 -12.02 -7.01
N LEU A 155 -7.63 -10.81 -7.50
CA LEU A 155 -6.96 -10.57 -8.77
C LEU A 155 -5.69 -11.40 -8.92
N ILE A 156 -5.68 -12.26 -9.93
CA ILE A 156 -4.54 -13.13 -10.21
C ILE A 156 -3.30 -12.28 -10.52
N TYR A 157 -2.15 -12.66 -9.97
CA TYR A 157 -0.96 -11.80 -10.02
C TYR A 157 -0.16 -11.96 -11.30
N GLN A 158 -0.81 -11.75 -12.44
N GLN A 158 -0.80 -11.71 -12.44
CA GLN A 158 -0.10 -11.72 -13.71
CA GLN A 158 -0.20 -11.89 -13.75
C GLN A 158 -0.93 -10.96 -14.72
C GLN A 158 -0.96 -11.08 -14.79
N ASN A 159 -0.24 -10.48 -15.76
CA ASN A 159 -0.89 -9.78 -16.87
C ASN A 159 -1.84 -8.68 -16.41
N GLU A 160 -3.00 -8.51 -17.07
CA GLU A 160 -3.82 -7.35 -16.74
C GLU A 160 -4.41 -7.40 -15.33
N SER A 161 -4.89 -8.55 -14.90
CA SER A 161 -5.43 -8.65 -13.55
C SER A 161 -4.34 -8.33 -12.52
N GLY A 162 -3.10 -8.73 -12.81
CA GLY A 162 -2.00 -8.48 -11.89
C GLY A 162 -1.61 -7.02 -11.86
N ALA A 163 -1.70 -6.34 -13.01
CA ALA A 163 -1.44 -4.90 -13.03
C ALA A 163 -2.53 -4.13 -12.28
N ILE A 164 -3.77 -4.62 -12.35
CA ILE A 164 -4.83 -4.02 -11.54
C ILE A 164 -4.55 -4.24 -10.05
N ASN A 165 -4.18 -5.47 -9.70
CA ASN A 165 -3.78 -5.81 -8.34
C ASN A 165 -2.72 -4.81 -7.83
N GLU A 166 -1.68 -4.61 -8.62
CA GLU A 166 -0.62 -3.66 -8.28
C GLU A 166 -1.12 -2.23 -8.12
N ALA A 167 -1.93 -1.79 -9.08
CA ALA A 167 -2.45 -0.41 -9.03
C ALA A 167 -3.33 -0.22 -7.82
N ILE A 168 -4.15 -1.21 -7.48
CA ILE A 168 -4.98 -1.12 -6.28
C ILE A 168 -4.10 -0.89 -5.04
N SER A 169 -3.00 -1.64 -4.93
CA SER A 169 -2.05 -1.42 -3.84
C SER A 169 -1.39 -0.04 -3.87
N ASP A 170 -1.07 0.47 -5.06
CA ASP A 170 -0.50 1.81 -5.15
C ASP A 170 -1.52 2.90 -4.81
N ILE A 171 -2.75 2.72 -5.30
CA ILE A 171 -3.85 3.66 -5.05
C ILE A 171 -4.13 3.75 -3.56
N PHE A 172 -4.37 2.62 -2.90
CA PHE A 172 -4.67 2.68 -1.48
C PHE A 172 -3.44 3.00 -0.63
N GLY A 173 -2.25 2.62 -1.09
CA GLY A 173 -1.03 3.05 -0.42
C GLY A 173 -0.98 4.57 -0.36
N THR A 174 -1.30 5.19 -1.50
CA THR A 174 -1.31 6.64 -1.62
C THR A 174 -2.44 7.28 -0.81
N LEU A 175 -3.63 6.67 -0.84
CA LEU A 175 -4.74 7.23 -0.06
C LEU A 175 -4.44 7.15 1.44
N VAL A 176 -3.77 6.08 1.88
CA VAL A 176 -3.37 5.98 3.28
C VAL A 176 -2.33 7.05 3.61
N GLU A 177 -1.38 7.26 2.70
CA GLU A 177 -0.40 8.32 2.91
C GLU A 177 -1.08 9.69 3.07
N PHE A 178 -2.08 9.97 2.24
CA PHE A 178 -2.83 11.22 2.40
C PHE A 178 -3.63 11.25 3.71
N TYR A 179 -4.16 10.10 4.12
CA TYR A 179 -4.91 9.98 5.36
C TYR A 179 -4.04 10.38 6.56
N ALA A 180 -2.80 9.91 6.58
CA ALA A 180 -1.87 10.27 7.65
C ALA A 180 -1.41 11.72 7.53
N ASN A 181 -1.40 12.22 6.29
CA ASN A 181 -1.15 13.63 5.99
C ASN A 181 0.24 14.16 6.38
N LYS A 182 1.25 13.32 6.21
CA LYS A 182 2.64 13.77 6.36
C LYS A 182 3.35 13.67 5.01
N ASN A 183 3.67 14.83 4.44
CA ASN A 183 4.28 14.91 3.12
C ASN A 183 3.60 14.02 2.07
N PRO A 184 2.27 14.14 1.92
CA PRO A 184 1.62 13.22 0.99
C PRO A 184 1.87 13.62 -0.46
N ASP A 185 1.84 12.62 -1.34
CA ASP A 185 2.06 12.84 -2.75
C ASP A 185 1.48 11.67 -3.54
N TRP A 186 1.59 11.73 -4.86
CA TRP A 186 1.13 10.67 -5.74
C TRP A 186 2.30 9.87 -6.29
N GLU A 187 3.39 9.84 -5.52
CA GLU A 187 4.57 9.04 -5.84
C GLU A 187 4.58 7.81 -4.94
N ILE A 188 5.29 6.77 -5.36
CA ILE A 188 5.34 5.54 -4.57
C ILE A 188 6.75 5.27 -4.06
N GLY A 189 6.88 5.18 -2.74
CA GLY A 189 8.12 4.73 -2.12
C GLY A 189 9.21 5.78 -1.97
N GLU A 190 8.86 7.04 -2.22
CA GLU A 190 9.84 8.12 -2.18
C GLU A 190 10.59 8.24 -0.84
N ASP A 191 9.96 7.86 0.26
CA ASP A 191 10.60 8.00 1.56
C ASP A 191 11.72 6.99 1.81
N VAL A 192 11.72 5.88 1.08
CA VAL A 192 12.70 4.83 1.34
C VAL A 192 13.54 4.47 0.10
N TYR A 193 13.24 5.08 -1.03
CA TYR A 193 13.92 4.77 -2.28
C TYR A 193 15.15 5.65 -2.48
N THR A 194 16.27 5.03 -2.88
CA THR A 194 17.50 5.74 -3.28
C THR A 194 17.88 6.90 -2.38
N PRO A 195 18.42 6.61 -1.20
CA PRO A 195 18.76 7.67 -0.25
C PRO A 195 19.78 8.67 -0.80
N GLY A 196 20.56 8.27 -1.79
CA GLY A 196 21.55 9.16 -2.38
C GLY A 196 21.01 10.08 -3.48
N ILE A 197 19.73 9.91 -3.81
CA ILE A 197 19.10 10.70 -4.87
C ILE A 197 17.81 11.34 -4.34
N SER A 198 17.79 12.67 -4.32
N SER A 198 17.78 12.67 -4.31
CA SER A 198 16.62 13.39 -3.84
CA SER A 198 16.61 13.38 -3.79
C SER A 198 15.59 13.52 -4.95
C SER A 198 15.61 13.70 -4.90
N GLY A 199 14.33 13.59 -4.58
CA GLY A 199 13.28 13.96 -5.51
C GLY A 199 12.75 12.89 -6.42
N ASP A 200 13.25 11.66 -6.29
CA ASP A 200 12.77 10.55 -7.10
C ASP A 200 11.88 9.61 -6.31
N SER A 201 11.47 8.52 -6.94
CA SER A 201 10.59 7.54 -6.34
C SER A 201 10.63 6.28 -7.17
N LEU A 202 10.02 5.22 -6.66
CA LEU A 202 9.98 3.94 -7.36
C LEU A 202 9.03 4.01 -8.55
N ARG A 203 7.85 4.57 -8.32
CA ARG A 203 6.85 4.81 -9.36
C ARG A 203 6.22 6.17 -9.13
N SER A 204 5.62 6.71 -10.18
CA SER A 204 4.82 7.90 -10.08
C SER A 204 3.42 7.58 -10.59
N MET A 205 2.39 7.95 -9.83
CA MET A 205 1.02 7.82 -10.34
C MET A 205 0.63 9.01 -11.20
N SER A 206 1.15 10.19 -10.86
CA SER A 206 0.81 11.41 -11.60
C SER A 206 1.45 11.42 -12.98
N ASP A 207 2.62 10.82 -13.10
CA ASP A 207 3.33 10.77 -14.38
C ASP A 207 4.15 9.49 -14.43
N PRO A 208 3.49 8.34 -14.67
CA PRO A 208 4.20 7.05 -14.64
C PRO A 208 5.38 7.00 -15.61
N ALA A 209 5.26 7.74 -16.71
CA ALA A 209 6.26 7.73 -17.78
C ALA A 209 7.61 8.30 -17.35
N LYS A 210 7.63 9.04 -16.24
CA LYS A 210 8.89 9.62 -15.80
C LYS A 210 9.90 8.51 -15.46
N TYR A 211 9.39 7.32 -15.16
CA TYR A 211 10.26 6.17 -14.89
C TYR A 211 10.10 5.08 -15.94
N GLY A 212 9.54 5.44 -17.08
CA GLY A 212 9.38 4.51 -18.18
C GLY A 212 8.18 3.57 -18.08
N ASP A 213 7.30 3.81 -17.11
CA ASP A 213 6.08 3.01 -17.04
C ASP A 213 5.01 3.63 -17.92
N PRO A 214 4.18 2.79 -18.54
CA PRO A 214 3.18 3.29 -19.49
C PRO A 214 2.09 4.13 -18.83
N ASP A 215 1.61 5.12 -19.57
CA ASP A 215 0.52 5.98 -19.11
C ASP A 215 -0.63 5.94 -20.12
N HIS A 216 -0.61 4.92 -20.97
CA HIS A 216 -1.64 4.73 -21.97
C HIS A 216 -1.62 3.27 -22.38
N TYR A 217 -2.80 2.71 -22.64
CA TYR A 217 -2.94 1.29 -22.99
C TYR A 217 -2.14 0.91 -24.23
N SER A 218 -1.99 1.84 -25.16
CA SER A 218 -1.19 1.60 -26.36
C SER A 218 0.30 1.40 -26.07
N LYS A 219 0.73 1.72 -24.85
CA LYS A 219 2.13 1.55 -24.46
C LYS A 219 2.33 0.40 -23.49
N ARG A 220 1.33 -0.46 -23.36
CA ARG A 220 1.39 -1.56 -22.40
C ARG A 220 2.48 -2.57 -22.77
N TYR A 221 3.06 -3.16 -21.75
CA TYR A 221 4.06 -4.20 -21.91
C TYR A 221 3.35 -5.54 -22.05
N THR A 222 3.78 -6.36 -23.00
CA THR A 222 3.12 -7.64 -23.22
C THR A 222 4.08 -8.82 -23.16
N GLY A 223 5.28 -8.58 -22.66
CA GLY A 223 6.26 -9.63 -22.48
C GLY A 223 6.04 -10.41 -21.20
N THR A 224 7.00 -11.25 -20.83
CA THR A 224 6.83 -12.16 -19.72
C THR A 224 7.51 -11.74 -18.42
N GLN A 225 8.39 -10.74 -18.48
N GLN A 225 8.39 -10.75 -18.48
CA GLN A 225 9.09 -10.22 -17.31
CA GLN A 225 9.08 -10.29 -17.28
C GLN A 225 8.08 -9.72 -16.28
C GLN A 225 8.09 -9.72 -16.27
N ASP A 226 8.42 -9.84 -14.99
CA ASP A 226 7.63 -9.23 -13.93
C ASP A 226 6.18 -9.71 -13.95
N ASN A 227 5.99 -11.02 -14.12
CA ASN A 227 4.65 -11.60 -14.21
C ASN A 227 3.79 -10.94 -15.29
N GLY A 228 4.40 -10.66 -16.44
CA GLY A 228 3.70 -9.97 -17.50
C GLY A 228 3.55 -8.48 -17.23
N GLY A 229 4.51 -7.92 -16.50
CA GLY A 229 4.58 -6.48 -16.29
C GLY A 229 3.67 -5.90 -15.22
N VAL A 230 3.41 -6.63 -14.15
CA VAL A 230 2.45 -6.14 -13.16
C VAL A 230 2.85 -4.82 -12.50
N HIS A 231 4.16 -4.59 -12.32
CA HIS A 231 4.65 -3.33 -11.74
C HIS A 231 4.91 -2.26 -12.78
N ILE A 232 4.66 -2.60 -14.05
CA ILE A 232 4.88 -1.72 -15.19
C ILE A 232 3.54 -1.23 -15.70
N ASN A 233 2.69 -2.16 -16.11
CA ASN A 233 1.35 -1.81 -16.61
C ASN A 233 0.44 -1.21 -15.55
N SER A 234 0.81 -1.33 -14.28
CA SER A 234 0.07 -0.66 -13.21
C SER A 234 0.03 0.84 -13.47
N GLY A 235 1.02 1.36 -14.20
CA GLY A 235 1.07 2.78 -14.51
C GLY A 235 -0.17 3.28 -15.24
N ILE A 236 -0.75 2.42 -16.07
CA ILE A 236 -1.91 2.80 -16.87
C ILE A 236 -3.10 3.04 -15.96
N ILE A 237 -3.28 2.16 -14.98
CA ILE A 237 -4.38 2.28 -14.03
C ILE A 237 -4.08 3.36 -12.98
N ASN A 238 -2.84 3.44 -12.52
CA ASN A 238 -2.44 4.50 -11.62
C ASN A 238 -2.72 5.88 -12.21
N LYS A 239 -2.42 6.06 -13.49
CA LYS A 239 -2.68 7.32 -14.16
C LYS A 239 -4.17 7.61 -14.20
N ALA A 240 -4.96 6.60 -14.53
CA ALA A 240 -6.42 6.77 -14.55
C ALA A 240 -6.94 7.21 -13.19
N ALA A 241 -6.47 6.56 -12.13
CA ALA A 241 -6.89 6.90 -10.78
C ALA A 241 -6.47 8.32 -10.41
N TYR A 242 -5.23 8.67 -10.71
CA TYR A 242 -4.76 10.03 -10.51
C TYR A 242 -5.65 11.06 -11.21
N LEU A 243 -6.00 10.79 -12.47
CA LEU A 243 -6.86 11.70 -13.22
C LEU A 243 -8.26 11.82 -12.62
N ILE A 244 -8.84 10.69 -12.19
CA ILE A 244 -10.15 10.72 -11.55
C ILE A 244 -10.13 11.65 -10.34
N SER A 245 -9.09 11.55 -9.54
CA SER A 245 -8.99 12.37 -8.33
C SER A 245 -8.64 13.82 -8.64
N GLN A 246 -7.58 14.02 -9.42
CA GLN A 246 -6.95 15.33 -9.55
C GLN A 246 -7.30 16.07 -10.82
N GLY A 247 -7.85 15.35 -11.80
CA GLY A 247 -8.14 15.93 -13.10
C GLY A 247 -6.90 16.16 -13.94
N GLY A 248 -7.12 16.62 -15.17
CA GLY A 248 -6.03 16.97 -16.06
C GLY A 248 -6.41 16.68 -17.49
N THR A 249 -5.57 17.10 -18.43
CA THR A 249 -5.76 16.73 -19.83
C THR A 249 -4.59 15.89 -20.26
N HIS A 250 -4.88 14.69 -20.73
CA HIS A 250 -3.87 13.67 -20.97
C HIS A 250 -4.13 13.08 -22.35
N TYR A 251 -3.13 13.19 -23.23
CA TYR A 251 -3.26 12.86 -24.64
C TYR A 251 -4.50 13.54 -25.24
N GLY A 252 -4.72 14.78 -24.84
CA GLY A 252 -5.81 15.58 -25.38
C GLY A 252 -7.17 15.35 -24.77
N VAL A 253 -7.27 14.42 -23.83
CA VAL A 253 -8.56 14.09 -23.22
C VAL A 253 -8.64 14.73 -21.83
N SER A 254 -9.63 15.58 -21.63
CA SER A 254 -9.77 16.30 -20.36
C SER A 254 -10.61 15.55 -19.35
N VAL A 255 -10.13 15.50 -18.13
CA VAL A 255 -10.81 14.81 -17.04
C VAL A 255 -11.08 15.81 -15.93
N VAL A 256 -12.32 15.87 -15.48
CA VAL A 256 -12.69 16.71 -14.35
C VAL A 256 -12.45 15.94 -13.05
N GLY A 257 -11.55 16.45 -12.20
CA GLY A 257 -11.20 15.77 -10.96
C GLY A 257 -12.33 15.78 -9.96
N ILE A 258 -12.49 14.69 -9.21
CA ILE A 258 -13.54 14.61 -8.20
C ILE A 258 -13.02 14.45 -6.78
N GLY A 259 -11.69 14.38 -6.65
CA GLY A 259 -11.06 14.32 -5.34
C GLY A 259 -10.74 12.91 -4.85
N ARG A 260 -9.86 12.83 -3.87
CA ARG A 260 -9.35 11.55 -3.42
CA ARG A 260 -9.34 11.57 -3.35
C ARG A 260 -10.38 10.71 -2.65
N ASP A 261 -11.26 11.36 -1.89
CA ASP A 261 -12.23 10.59 -1.12
C ASP A 261 -13.16 9.81 -2.04
N LYS A 262 -13.64 10.47 -3.10
CA LYS A 262 -14.52 9.81 -4.04
C LYS A 262 -13.78 8.75 -4.87
N LEU A 263 -12.52 9.03 -5.24
CA LEU A 263 -11.68 8.00 -5.87
C LEU A 263 -11.64 6.75 -4.99
N GLY A 264 -11.38 6.95 -3.70
CA GLY A 264 -11.29 5.83 -2.77
C GLY A 264 -12.59 5.06 -2.66
N LYS A 265 -13.71 5.77 -2.60
CA LYS A 265 -15.01 5.11 -2.48
C LYS A 265 -15.29 4.28 -3.74
N ILE A 266 -15.02 4.87 -4.89
CA ILE A 266 -15.27 4.19 -6.17
C ILE A 266 -14.42 2.93 -6.32
N PHE A 267 -13.12 3.06 -6.07
CA PHE A 267 -12.23 1.90 -6.21
C PHE A 267 -12.42 0.86 -5.12
N TYR A 268 -12.77 1.27 -3.90
CA TYR A 268 -13.03 0.29 -2.86
C TYR A 268 -14.27 -0.54 -3.20
N ARG A 269 -15.30 0.13 -3.70
CA ARG A 269 -16.50 -0.58 -4.12
C ARG A 269 -16.21 -1.50 -5.30
N ALA A 270 -15.44 -1.02 -6.27
CA ALA A 270 -15.10 -1.87 -7.41
C ALA A 270 -14.36 -3.12 -6.93
N LEU A 271 -13.39 -2.92 -6.04
CA LEU A 271 -12.57 -4.00 -5.54
C LEU A 271 -13.37 -5.06 -4.80
N THR A 272 -14.36 -4.60 -4.02
CA THR A 272 -15.06 -5.49 -3.13
C THR A 272 -16.40 -6.01 -3.65
N GLN A 273 -16.95 -5.39 -4.69
CA GLN A 273 -18.27 -5.77 -5.20
CA GLN A 273 -18.25 -5.83 -5.19
C GLN A 273 -18.29 -6.20 -6.66
N TYR A 274 -17.26 -5.84 -7.43
CA TYR A 274 -17.33 -6.07 -8.88
C TYR A 274 -16.16 -6.81 -9.50
N LEU A 275 -14.94 -6.52 -9.07
CA LEU A 275 -13.78 -7.18 -9.65
C LEU A 275 -13.73 -8.67 -9.28
N THR A 276 -13.15 -9.46 -10.17
CA THR A 276 -13.01 -10.89 -9.97
C THR A 276 -11.54 -11.27 -10.20
N PRO A 277 -11.17 -12.54 -9.95
CA PRO A 277 -9.74 -12.86 -10.11
C PRO A 277 -9.20 -12.63 -11.51
N THR A 278 -10.06 -12.70 -12.52
CA THR A 278 -9.60 -12.59 -13.91
C THR A 278 -9.90 -11.26 -14.57
N SER A 279 -10.33 -10.26 -13.81
CA SER A 279 -10.70 -8.98 -14.41
C SER A 279 -9.56 -8.37 -15.21
N ASN A 280 -9.86 -7.91 -16.42
CA ASN A 280 -8.90 -7.15 -17.21
C ASN A 280 -9.18 -5.65 -17.11
N PHE A 281 -8.39 -4.84 -17.82
CA PHE A 281 -8.53 -3.39 -17.71
C PHE A 281 -9.92 -2.89 -18.14
N SER A 282 -10.44 -3.44 -19.22
CA SER A 282 -11.76 -3.08 -19.71
C SER A 282 -12.83 -3.40 -18.67
N GLN A 283 -12.67 -4.54 -18.01
CA GLN A 283 -13.60 -4.93 -16.96
C GLN A 283 -13.46 -4.05 -15.70
N LEU A 284 -12.24 -3.59 -15.41
CA LEU A 284 -12.06 -2.61 -14.34
C LEU A 284 -12.79 -1.31 -14.67
N ARG A 285 -12.69 -0.84 -15.91
CA ARG A 285 -13.42 0.37 -16.30
C ARG A 285 -14.91 0.18 -16.02
N ALA A 286 -15.45 -0.96 -16.44
CA ALA A 286 -16.88 -1.22 -16.24
C ALA A 286 -17.24 -1.28 -14.75
N ALA A 287 -16.35 -1.88 -13.96
CA ALA A 287 -16.55 -1.98 -12.52
C ALA A 287 -16.54 -0.61 -11.84
N ALA A 288 -15.61 0.24 -12.26
CA ALA A 288 -15.52 1.60 -11.73
C ALA A 288 -16.72 2.45 -12.13
N VAL A 289 -17.16 2.32 -13.39
CA VAL A 289 -18.34 3.05 -13.85
C VAL A 289 -19.57 2.61 -13.07
N GLN A 290 -19.71 1.31 -12.86
CA GLN A 290 -20.86 0.81 -12.11
C GLN A 290 -20.81 1.25 -10.66
N SER A 291 -19.62 1.21 -10.06
CA SER A 291 -19.44 1.62 -8.68
C SER A 291 -19.80 3.09 -8.48
N ALA A 292 -19.33 3.94 -9.39
CA ALA A 292 -19.65 5.36 -9.34
C ALA A 292 -21.15 5.58 -9.55
N THR A 293 -21.76 4.77 -10.41
CA THR A 293 -23.20 4.85 -10.64
C THR A 293 -23.96 4.51 -9.36
N ASP A 294 -23.55 3.45 -8.68
CA ASP A 294 -24.19 3.04 -7.42
C ASP A 294 -24.11 4.17 -6.41
N LEU A 295 -22.93 4.79 -6.32
CA LEU A 295 -22.67 5.76 -5.27
C LEU A 295 -23.21 7.16 -5.55
N TYR A 296 -23.21 7.57 -6.81
CA TYR A 296 -23.45 8.97 -7.15
C TYR A 296 -24.54 9.20 -8.19
N GLY A 297 -24.96 8.14 -8.87
CA GLY A 297 -26.00 8.26 -9.87
C GLY A 297 -25.46 8.25 -11.29
N SER A 298 -26.25 7.76 -12.23
CA SER A 298 -25.79 7.58 -13.60
C SER A 298 -25.46 8.90 -14.29
N THR A 299 -26.15 9.97 -13.88
CA THR A 299 -25.97 11.26 -14.52
C THR A 299 -24.95 12.14 -13.80
N SER A 300 -24.25 11.56 -12.83
CA SER A 300 -23.35 12.32 -11.97
C SER A 300 -22.05 12.71 -12.67
N GLN A 301 -21.44 13.78 -12.17
CA GLN A 301 -20.09 14.15 -12.59
C GLN A 301 -19.11 13.01 -12.32
N GLU A 302 -19.32 12.30 -11.21
CA GLU A 302 -18.39 11.24 -10.82
C GLU A 302 -18.31 10.14 -11.88
N VAL A 303 -19.48 9.72 -12.38
CA VAL A 303 -19.52 8.73 -13.46
C VAL A 303 -18.86 9.27 -14.73
N ALA A 304 -19.17 10.52 -15.09
CA ALA A 304 -18.58 11.11 -16.28
C ALA A 304 -17.05 11.18 -16.18
N SER A 305 -16.55 11.52 -15.00
CA SER A 305 -15.12 11.61 -14.78
C SER A 305 -14.41 10.26 -14.86
N VAL A 306 -15.04 9.21 -14.34
CA VAL A 306 -14.47 7.88 -14.46
C VAL A 306 -14.33 7.51 -15.94
N LYS A 307 -15.36 7.78 -16.73
CA LYS A 307 -15.29 7.50 -18.16
C LYS A 307 -14.18 8.29 -18.86
N GLN A 308 -14.06 9.58 -18.56
N GLN A 308 -14.08 9.58 -18.54
CA GLN A 308 -13.03 10.41 -19.19
CA GLN A 308 -13.06 10.46 -19.09
C GLN A 308 -11.63 9.95 -18.81
C GLN A 308 -11.68 9.91 -18.82
N ALA A 309 -11.44 9.52 -17.57
CA ALA A 309 -10.13 9.05 -17.14
C ALA A 309 -9.69 7.79 -17.87
N PHE A 310 -10.59 6.82 -17.98
CA PHE A 310 -10.28 5.61 -18.72
C PHE A 310 -10.12 5.89 -20.22
N ASP A 311 -10.93 6.80 -20.76
CA ASP A 311 -10.73 7.24 -22.14
C ASP A 311 -9.32 7.81 -22.32
N ALA A 312 -8.90 8.64 -21.36
CA ALA A 312 -7.60 9.31 -21.45
C ALA A 312 -6.43 8.33 -21.50
N VAL A 313 -6.57 7.19 -20.83
CA VAL A 313 -5.52 6.18 -20.84
C VAL A 313 -5.79 5.05 -21.85
N GLY A 314 -6.78 5.25 -22.71
CA GLY A 314 -7.00 4.33 -23.82
C GLY A 314 -7.65 3.00 -23.46
N VAL A 315 -8.39 3.00 -22.36
CA VAL A 315 -9.09 1.80 -21.90
C VAL A 315 -10.59 1.94 -22.11
N LYS A 316 -11.14 1.11 -23.00
CA LYS A 316 -12.57 1.16 -23.33
C LYS A 316 -13.34 0.03 -22.67
ZN ZN B . 2.67 -4.89 -4.89
CA CA C . 4.15 8.47 -1.62
CA CA D . 14.55 -0.95 24.25
CA CA E . 5.28 11.31 0.63
CA CA F . 15.59 8.86 -3.42
C1 GOL G . 1.38 -11.14 -4.75
O1 GOL G . 0.15 -10.47 -4.95
C2 GOL G . 2.06 -10.74 -3.44
O2 GOL G . 1.22 -11.01 -2.34
C3 GOL G . 2.42 -9.25 -3.47
O3 GOL G . 3.17 -8.88 -2.33
S DMS H . 9.41 -12.33 -4.27
O DMS H . 10.59 -13.17 -4.66
C1 DMS H . 9.06 -12.60 -2.51
C2 DMS H . 9.95 -10.60 -4.19
S DMS I . -3.41 -9.33 25.56
O DMS I . -3.61 -10.39 26.60
C1 DMS I . -4.16 -9.93 24.02
C2 DMS I . -4.57 -7.97 25.93
S DMS J . 21.15 -6.94 17.60
O DMS J . 21.82 -7.74 16.53
C1 DMS J . 21.16 -5.24 17.00
C2 DMS J . 19.38 -7.32 17.55
C1 GOL K . 16.35 -8.61 -3.44
O1 GOL K . 17.21 -7.53 -3.14
C2 GOL K . 15.19 -8.10 -4.28
O2 GOL K . 15.66 -7.84 -5.58
C3 GOL K . 14.07 -9.13 -4.34
O3 GOL K . 13.03 -8.63 -5.14
C7 2G8 L . 5.26 -12.04 -5.57
C6 2G8 L . 4.75 -12.98 -4.52
C1 2G8 L . 3.62 -13.77 -4.77
C2 2G8 L . 3.13 -14.64 -3.80
C3 2G8 L . 3.75 -14.74 -2.57
C4 2G8 L . 4.89 -13.97 -2.30
C5 2G8 L . 5.38 -13.09 -3.27
C9 2G8 L . 5.72 -9.60 -5.30
C9 2G8 L . 5.83 -9.78 -4.76
O10 2G8 L . 6.75 -9.65 -5.94
O10 2G8 L . 6.83 -10.18 -4.16
O8 2G8 L . 4.87 -10.67 -5.29
O8 2G8 L . 4.94 -10.66 -5.30
N11 2G8 L . 5.48 -8.60 -4.41
N11 2G8 L . 5.48 -8.47 -4.85
C12 2G8 L . 6.34 -7.41 -4.35
P13 2G8 L . 5.24 -6.02 -3.87
O14 2G8 L . 4.56 -5.50 -5.11
O15 2G8 L . 4.35 -6.41 -2.73
N16 2G8 L . 6.47 -4.90 -3.39
C17 2G8 L . 6.35 -3.50 -3.86
C22 2G8 L . 6.91 -3.32 -5.28
O23 2G8 L . 6.43 -2.51 -6.05
C18 2G8 L . 7.16 -2.65 -2.88
C19 2G8 L . 7.18 -1.15 -3.19
C20 2G8 L . 5.83 -0.53 -2.85
C21 2G8 L . 8.32 -0.47 -2.40
C29 2G8 L . 10.73 -3.02 -5.71
C26 2G8 L . 10.21 -4.12 -6.63
C25 2G8 L . 8.70 -4.07 -6.85
N24 2G8 L . 7.99 -4.11 -5.58
#